data_5GGA
#
_entry.id   5GGA
#
_cell.length_a   41.730
_cell.length_b   84.300
_cell.length_c   43.580
_cell.angle_alpha   90.00
_cell.angle_beta   94.01
_cell.angle_gamma   90.00
#
_symmetry.space_group_name_H-M   'P 1 21 1'
#
loop_
_entity.id
_entity.type
_entity.pdbx_description
1 polymer 'Hydrolase, NUDIX family protein'
2 non-polymer '[(2R,3S,4R,5R)-5-[2-azanyl-6,8-bis(oxidanylidene)-1,7-dihydropurin-9-yl]-3,4-bis(oxidanyl)oxolan-2-yl]methyl phosphono hydrogen phosphate'
3 non-polymer '[(2R,3S,4R,5R)-5-[2-azanyl-6,8-bis(oxidanylidene)-1,7-dihydropurin-9-yl]-3,4-bis(oxidanyl)oxolan-2-yl]methyl dihydrogen phosphate'
4 non-polymer 'PYROPHOSPHATE 2-'
5 non-polymer 'MAGNESIUM ION'
6 water water
#
_entity_poly.entity_id   1
_entity_poly.type   'polypeptide(L)'
_entity_poly.pdbx_seq_one_letter_code
;MGSSHHHHHHSSGLVPRGSHMMPVDDLQEIPLSKDTTEKSKHTVRAAGAVLWRDASEHGGTTGHPATVEVAVIHRPRYDD
WSLPKGKLDQGETEPVAAAREIHEETGHTAVLGRRLGRVTYPIPQGTKRVWYWAAKSTGGDFSPNDEVDKLVWLPVDAAM
DQLQYPDDRKVLRRFVKRPVDTKTVLVVRHGTAGRRSRYKGDDRKRPLDKRGRAQAEALVAQLMAFGATTLYAADRVRCH
QTIEPLAQELDQLIHNEPLLTEEAYAADHKAARKRLLEIAGRPGNPVICTQGKVIPGLIEWWCERAKVRPETTGNRKGST
WVLSLSDGELVGADYLSPPDEK
;
_entity_poly.pdbx_strand_id   A
#
# COMPACT_ATOMS: atom_id res chain seq x y z
N LYS A 41 -18.48 9.96 -12.32
CA LYS A 41 -17.47 11.06 -12.29
C LYS A 41 -18.19 12.45 -12.18
N HIS A 42 -17.45 13.57 -12.16
CA HIS A 42 -15.99 13.59 -12.07
C HIS A 42 -15.61 13.28 -10.62
N THR A 43 -14.55 12.49 -10.51
CA THR A 43 -14.06 12.04 -9.22
C THR A 43 -12.80 12.76 -8.91
N VAL A 44 -12.72 13.44 -7.78
CA VAL A 44 -11.47 14.03 -7.38
C VAL A 44 -10.83 13.09 -6.37
N ARG A 45 -9.65 12.58 -6.73
CA ARG A 45 -8.97 11.59 -5.94
C ARG A 45 -8.12 12.20 -4.84
N ALA A 46 -8.26 11.62 -3.64
CA ALA A 46 -7.53 12.08 -2.45
C ALA A 46 -7.21 10.90 -1.56
N ALA A 47 -6.37 11.18 -0.58
CA ALA A 47 -5.99 10.17 0.38
C ALA A 47 -5.64 10.81 1.71
N GLY A 48 -5.77 10.02 2.76
CA GLY A 48 -5.55 10.50 4.08
C GLY A 48 -5.22 9.40 5.03
N ALA A 49 -5.09 9.79 6.29
CA ALA A 49 -4.58 8.89 7.26
C ALA A 49 -5.06 9.14 8.70
N VAL A 50 -5.09 8.05 9.44
CA VAL A 50 -5.07 8.08 10.91
C VAL A 50 -3.62 7.90 11.33
N LEU A 51 -3.04 9.02 11.65
CA LEU A 51 -1.66 9.09 12.07
C LEU A 51 -1.64 8.78 13.57
N TRP A 52 -0.85 7.81 13.93
CA TRP A 52 -0.79 7.34 15.31
C TRP A 52 0.60 7.22 15.89
N ARG A 53 0.67 7.19 17.22
CA ARG A 53 1.92 6.98 17.96
C ARG A 53 1.59 6.30 19.29
N ASP A 54 2.58 5.66 19.89
CA ASP A 54 2.49 5.17 21.28
C ASP A 54 2.52 6.38 22.18
N PRO A 65 -2.76 -1.08 20.74
CA PRO A 65 -4.14 -1.49 20.42
C PRO A 65 -5.07 -0.25 20.45
N ALA A 66 -5.90 -0.09 21.50
CA ALA A 66 -6.52 1.21 21.82
C ALA A 66 -5.86 1.86 23.09
N THR A 67 -4.52 1.84 23.14
CA THR A 67 -3.72 2.67 24.06
C THR A 67 -2.91 3.72 23.27
N VAL A 68 -2.93 3.64 21.95
CA VAL A 68 -2.27 4.61 21.12
C VAL A 68 -2.98 5.97 21.11
N GLU A 69 -2.27 6.98 20.64
CA GLU A 69 -2.80 8.30 20.45
C GLU A 69 -2.91 8.56 18.93
N VAL A 70 -3.95 9.31 18.52
CA VAL A 70 -4.13 9.67 17.13
C VAL A 70 -4.24 11.16 16.96
N ALA A 71 -3.81 11.62 15.80
CA ALA A 71 -3.74 13.00 15.52
C ALA A 71 -5.02 13.43 14.89
N VAL A 72 -5.59 14.51 15.46
CA VAL A 72 -6.75 15.18 14.92
C VAL A 72 -6.39 16.62 14.65
N ILE A 73 -6.64 17.09 13.44
CA ILE A 73 -6.31 18.43 13.06
C ILE A 73 -7.44 19.40 12.92
N HIS A 74 -7.12 20.67 13.13
CA HIS A 74 -8.02 21.77 12.91
C HIS A 74 -7.58 22.67 11.82
N ARG A 75 -8.49 22.91 10.92
CA ARG A 75 -8.30 23.84 9.77
C ARG A 75 -9.19 25.08 9.88
N PRO A 76 -8.58 26.27 9.96
CA PRO A 76 -9.28 27.55 10.07
C PRO A 76 -10.21 27.84 8.95
N ARG A 77 -9.83 27.50 7.72
CA ARG A 77 -10.61 27.88 6.57
C ARG A 77 -12.04 27.26 6.60
N TYR A 78 -12.17 26.07 7.20
CA TYR A 78 -13.42 25.37 7.26
C TYR A 78 -13.89 25.29 8.70
N ASP A 79 -13.08 25.77 9.61
CA ASP A 79 -13.31 25.52 11.05
C ASP A 79 -13.73 24.08 11.32
N ASP A 80 -12.96 23.09 10.81
CA ASP A 80 -13.27 21.68 11.08
C ASP A 80 -12.21 20.96 11.87
N TRP A 81 -12.64 19.94 12.59
CA TRP A 81 -11.73 18.98 13.24
C TRP A 81 -11.86 17.69 12.45
N SER A 82 -10.74 17.22 11.88
CA SER A 82 -10.74 16.03 11.03
C SER A 82 -9.41 15.29 10.99
N LEU A 83 -9.29 14.35 10.06
CA LEU A 83 -8.07 13.63 9.78
C LEU A 83 -7.35 14.25 8.61
N PRO A 84 -6.00 14.22 8.64
CA PRO A 84 -5.19 14.75 7.54
C PRO A 84 -5.51 14.04 6.24
N LYS A 85 -5.64 14.80 5.16
CA LYS A 85 -5.93 14.20 3.88
C LYS A 85 -5.69 15.29 2.84
N GLY A 86 -5.58 14.88 1.60
CA GLY A 86 -5.36 15.80 0.49
C GLY A 86 -5.44 15.11 -0.85
N LYS A 87 -5.68 15.94 -1.86
CA LYS A 87 -5.85 15.48 -3.23
C LYS A 87 -4.58 14.97 -3.81
N LEU A 88 -4.68 14.00 -4.70
CA LEU A 88 -3.45 13.48 -5.33
C LEU A 88 -2.88 14.49 -6.36
N ASP A 89 -1.58 14.74 -6.37
CA ASP A 89 -0.99 15.53 -7.42
C ASP A 89 -0.91 14.65 -8.68
N GLN A 90 -0.70 15.33 -9.80
CA GLN A 90 -0.30 14.65 -11.04
C GLN A 90 0.72 13.56 -10.79
N GLY A 91 0.42 12.35 -11.27
CA GLY A 91 1.34 11.25 -11.21
C GLY A 91 1.53 10.59 -9.83
N GLU A 92 0.78 11.00 -8.83
CA GLU A 92 0.90 10.38 -7.49
C GLU A 92 -0.11 9.27 -7.38
N THR A 93 0.20 8.28 -6.57
CA THR A 93 -0.81 7.31 -6.09
C THR A 93 -1.29 7.69 -4.70
N GLU A 94 -2.34 7.04 -4.29
CA GLU A 94 -2.98 7.30 -3.04
C GLU A 94 -2.02 7.21 -1.86
N PRO A 95 -1.18 6.13 -1.73
CA PRO A 95 -0.31 6.01 -0.59
C PRO A 95 0.74 7.10 -0.58
N VAL A 96 1.21 7.51 -1.75
CA VAL A 96 2.23 8.57 -1.86
C VAL A 96 1.61 9.89 -1.40
N ALA A 97 0.38 10.14 -1.81
CA ALA A 97 -0.35 11.33 -1.42
C ALA A 97 -0.66 11.35 0.05
N ALA A 98 -1.06 10.20 0.61
CA ALA A 98 -1.32 10.14 2.05
C ALA A 98 -0.07 10.54 2.91
N ALA A 99 1.03 9.90 2.63
CA ALA A 99 2.27 10.22 3.27
C ALA A 99 2.68 11.67 3.09
N ARG A 100 2.53 12.22 1.89
CA ARG A 100 2.87 13.57 1.69
C ARG A 100 1.98 14.53 2.49
N GLU A 101 0.70 14.27 2.49
CA GLU A 101 -0.26 15.12 3.15
C GLU A 101 -0.12 15.03 4.65
N ILE A 102 0.22 13.88 5.20
CA ILE A 102 0.51 13.76 6.62
C ILE A 102 1.69 14.66 6.96
N HIS A 103 2.74 14.58 6.17
CA HIS A 103 3.92 15.43 6.45
C HIS A 103 3.66 16.94 6.36
N GLU A 104 3.02 17.38 5.29
CA GLU A 104 2.65 18.76 5.01
C GLU A 104 1.67 19.34 6.03
N GLU A 105 0.73 18.54 6.50
CA GLU A 105 -0.22 19.04 7.47
C GLU A 105 0.19 18.86 8.92
N THR A 106 0.92 17.80 9.28
CA THR A 106 1.21 17.57 10.71
C THR A 106 2.72 17.80 11.10
N GLY A 107 3.57 17.88 10.07
CA GLY A 107 5.00 17.84 10.24
C GLY A 107 5.63 16.49 10.47
N HIS A 108 4.84 15.43 10.48
CA HIS A 108 5.38 14.14 10.75
C HIS A 108 5.67 13.34 9.51
N THR A 109 6.74 12.55 9.59
CA THR A 109 6.94 11.46 8.65
C THR A 109 6.27 10.25 9.27
N ALA A 110 5.97 9.27 8.43
CA ALA A 110 5.23 8.10 8.87
C ALA A 110 5.43 6.95 7.92
N VAL A 111 5.11 5.77 8.42
CA VAL A 111 5.06 4.50 7.64
C VAL A 111 3.61 4.06 7.54
N LEU A 112 3.11 4.00 6.31
CA LEU A 112 1.77 3.50 6.07
C LEU A 112 1.64 2.04 6.34
N GLY A 113 0.49 1.58 6.89
CA GLY A 113 0.19 0.16 7.00
C GLY A 113 -1.13 -0.26 6.38
N ARG A 114 -2.06 -0.73 7.21
CA ARG A 114 -3.37 -1.14 6.77
C ARG A 114 -4.18 -0.03 6.14
N ARG A 115 -4.86 -0.33 5.04
CA ARG A 115 -5.81 0.60 4.46
C ARG A 115 -7.11 0.49 5.29
N LEU A 116 -7.79 1.59 5.44
CA LEU A 116 -8.94 1.74 6.34
C LEU A 116 -10.28 2.10 5.67
N GLY A 117 -10.36 1.95 4.37
CA GLY A 117 -11.56 2.13 3.63
C GLY A 117 -11.61 3.46 2.89
N ARG A 118 -12.75 3.68 2.32
CA ARG A 118 -12.94 4.78 1.44
C ARG A 118 -14.15 5.60 1.86
N VAL A 119 -14.04 6.91 1.66
CA VAL A 119 -15.06 7.90 1.97
C VAL A 119 -15.30 8.69 0.67
N THR A 120 -16.55 8.91 0.31
CA THR A 120 -16.86 9.82 -0.85
C THR A 120 -17.88 10.89 -0.36
N TYR A 121 -17.82 12.09 -0.91
CA TYR A 121 -18.82 13.10 -0.61
C TYR A 121 -18.84 14.09 -1.74
N PRO A 122 -19.97 14.75 -1.98
CA PRO A 122 -20.03 15.63 -3.19
C PRO A 122 -19.36 16.97 -3.00
N ILE A 123 -18.80 17.47 -4.07
CA ILE A 123 -18.12 18.72 -4.04
C ILE A 123 -18.50 19.35 -5.38
N PRO A 124 -18.32 20.65 -5.52
CA PRO A 124 -18.76 21.27 -6.79
C PRO A 124 -18.25 20.60 -8.09
N GLN A 125 -17.02 20.14 -8.07
CA GLN A 125 -16.42 19.42 -9.22
C GLN A 125 -16.99 18.02 -9.52
N GLY A 126 -17.70 17.44 -8.56
CA GLY A 126 -18.29 16.14 -8.71
C GLY A 126 -18.28 15.44 -7.37
N THR A 127 -17.37 14.49 -7.23
CA THR A 127 -17.32 13.63 -6.06
C THR A 127 -15.87 13.51 -5.59
N LYS A 128 -15.65 13.82 -4.34
CA LYS A 128 -14.33 13.64 -3.71
C LYS A 128 -14.23 12.21 -3.25
N ARG A 129 -13.15 11.51 -3.56
CA ARG A 129 -12.97 10.16 -3.05
C ARG A 129 -11.72 10.06 -2.23
N VAL A 130 -11.81 9.53 -1.01
CA VAL A 130 -10.63 9.58 -0.08
C VAL A 130 -10.42 8.19 0.43
N TRP A 131 -9.28 7.60 0.07
CA TRP A 131 -8.82 6.40 0.69
C TRP A 131 -7.94 6.73 1.90
N TYR A 132 -8.14 5.97 2.98
CA TYR A 132 -7.44 6.20 4.23
C TYR A 132 -6.55 5.07 4.65
N TRP A 133 -5.37 5.37 5.22
CA TRP A 133 -4.44 4.37 5.79
C TRP A 133 -4.17 4.65 7.23
N ALA A 134 -3.89 3.58 7.99
CA ALA A 134 -3.19 3.70 9.27
C ALA A 134 -1.77 4.07 8.97
N ALA A 135 -1.25 5.06 9.70
CA ALA A 135 0.08 5.59 9.49
C ALA A 135 0.82 5.76 10.83
N LYS A 136 1.85 4.96 11.07
CA LYS A 136 2.64 5.08 12.27
C LYS A 136 3.66 6.22 12.17
N SER A 137 3.61 7.14 13.13
CA SER A 137 4.51 8.31 13.14
C SER A 137 5.94 7.87 13.26
N THR A 138 6.83 8.48 12.48
CA THR A 138 8.27 8.23 12.61
C THR A 138 8.98 9.52 13.03
N GLY A 139 8.22 10.45 13.59
CA GLY A 139 8.75 11.61 14.26
C GLY A 139 8.39 12.86 13.47
N GLY A 140 8.60 13.98 14.10
CA GLY A 140 8.40 15.28 13.48
C GLY A 140 7.78 16.20 14.55
N ASP A 141 7.53 17.44 14.22
CA ASP A 141 6.85 18.36 15.14
C ASP A 141 5.89 19.27 14.37
N PHE A 142 4.71 19.43 14.93
CA PHE A 142 3.69 20.26 14.38
C PHE A 142 4.01 21.70 14.68
N SER A 143 3.90 22.55 13.69
CA SER A 143 3.88 23.99 13.92
C SER A 143 2.70 24.57 13.17
N PRO A 144 1.89 25.41 13.85
CA PRO A 144 0.63 25.89 13.28
C PRO A 144 0.84 26.66 12.05
N ASN A 145 -0.09 26.61 11.16
CA ASN A 145 -0.04 27.52 10.05
C ASN A 145 -1.45 28.01 9.68
N ASP A 146 -1.52 28.68 8.55
CA ASP A 146 -2.78 29.06 7.90
C ASP A 146 -3.67 27.89 7.50
N GLU A 147 -3.07 26.79 7.04
CA GLU A 147 -3.81 25.62 6.56
C GLU A 147 -4.32 24.75 7.70
N VAL A 148 -3.46 24.48 8.70
CA VAL A 148 -3.81 23.71 9.90
C VAL A 148 -3.26 24.49 11.07
N ASP A 149 -4.12 24.97 11.97
CA ASP A 149 -3.65 25.74 13.15
C ASP A 149 -3.53 24.97 14.45
N LYS A 150 -4.05 23.77 14.48
CA LYS A 150 -3.98 23.02 15.69
C LYS A 150 -4.00 21.52 15.37
N LEU A 151 -3.20 20.80 16.13
CA LEU A 151 -3.14 19.37 16.14
C LEU A 151 -3.16 18.90 17.54
N VAL A 152 -4.06 17.98 17.86
CA VAL A 152 -4.13 17.39 19.16
C VAL A 152 -3.94 15.93 19.01
N TRP A 153 -3.22 15.34 19.97
CA TRP A 153 -2.98 13.92 20.00
C TRP A 153 -3.91 13.32 21.03
N LEU A 154 -4.80 12.43 20.62
CA LEU A 154 -5.86 11.98 21.53
C LEU A 154 -5.98 10.48 21.54
N PRO A 155 -6.33 9.87 22.71
CA PRO A 155 -6.70 8.47 22.56
C PRO A 155 -7.98 8.33 21.73
N VAL A 156 -8.23 7.12 21.26
CA VAL A 156 -9.29 6.82 20.28
C VAL A 156 -10.64 7.37 20.72
N ASP A 157 -10.96 7.30 22.03
CA ASP A 157 -12.27 7.67 22.52
C ASP A 157 -12.48 9.11 22.45
N ALA A 158 -11.49 9.87 22.91
CA ALA A 158 -11.57 11.29 22.85
C ALA A 158 -11.50 11.75 21.41
N ALA A 159 -10.69 11.07 20.62
CA ALA A 159 -10.61 11.45 19.17
C ALA A 159 -11.95 11.27 18.45
N MET A 160 -12.63 10.16 18.73
CA MET A 160 -14.02 9.94 18.34
C MET A 160 -14.93 11.18 18.63
N ASP A 161 -14.72 11.77 19.81
CA ASP A 161 -15.51 12.93 20.25
C ASP A 161 -15.13 14.19 19.52
N GLN A 162 -13.86 14.30 19.16
CA GLN A 162 -13.30 15.52 18.54
C GLN A 162 -13.59 15.58 17.07
N LEU A 163 -13.55 14.42 16.42
CA LEU A 163 -13.84 14.28 15.00
C LEU A 163 -15.31 14.65 14.64
N GLN A 164 -15.50 15.74 13.93
CA GLN A 164 -16.85 16.21 13.66
C GLN A 164 -17.58 15.42 12.56
N TYR A 165 -16.88 14.78 11.63
CA TYR A 165 -17.59 14.19 10.52
C TYR A 165 -17.85 12.69 10.82
N PRO A 166 -19.08 12.23 10.58
CA PRO A 166 -19.38 10.80 10.72
C PRO A 166 -18.42 9.87 9.95
N ASP A 167 -18.10 10.22 8.71
CA ASP A 167 -17.17 9.34 7.92
C ASP A 167 -15.80 9.26 8.53
N ASP A 168 -15.33 10.34 9.14
CA ASP A 168 -14.04 10.22 9.85
C ASP A 168 -14.18 9.26 11.02
N ARG A 169 -15.33 9.26 11.69
CA ARG A 169 -15.45 8.36 12.92
C ARG A 169 -15.51 6.91 12.45
N LYS A 170 -16.10 6.73 11.26
CA LYS A 170 -16.17 5.45 10.63
C LYS A 170 -14.80 4.90 10.31
N VAL A 171 -13.95 5.72 9.67
CA VAL A 171 -12.54 5.38 9.50
C VAL A 171 -11.77 4.96 10.83
N LEU A 172 -12.01 5.70 11.88
CA LEU A 172 -11.35 5.47 13.18
C LEU A 172 -11.88 4.20 13.84
N ARG A 173 -13.18 3.92 13.65
CA ARG A 173 -13.75 2.60 14.02
C ARG A 173 -13.05 1.44 13.32
N ARG A 174 -12.80 1.62 12.02
CA ARG A 174 -12.09 0.58 11.26
C ARG A 174 -10.63 0.39 11.74
N PHE A 175 -9.98 1.50 12.07
CA PHE A 175 -8.64 1.54 12.58
C PHE A 175 -8.56 0.70 13.87
N VAL A 176 -9.52 0.87 14.75
CA VAL A 176 -9.39 0.16 16.08
C VAL A 176 -9.78 -1.28 16.00
N LYS A 177 -10.50 -1.63 14.95
CA LYS A 177 -11.00 -2.98 14.74
C LYS A 177 -9.90 -4.04 14.71
N ARG A 178 -8.72 -3.68 14.25
CA ARG A 178 -7.66 -4.65 14.10
C ARG A 178 -6.40 -4.06 14.64
N PRO A 179 -5.36 -4.89 14.80
CA PRO A 179 -4.07 -4.37 15.23
C PRO A 179 -3.54 -3.29 14.25
N VAL A 180 -2.80 -2.30 14.73
CA VAL A 180 -2.19 -1.28 13.82
C VAL A 180 -0.68 -1.30 13.83
N ASP A 181 -0.07 -1.97 14.81
CA ASP A 181 1.36 -2.14 14.78
C ASP A 181 1.78 -3.36 13.92
N THR A 182 1.78 -3.17 12.61
CA THR A 182 1.91 -4.24 11.71
C THR A 182 3.18 -4.20 10.91
N LYS A 183 3.59 -5.34 10.42
CA LYS A 183 4.65 -5.37 9.42
C LYS A 183 3.96 -5.65 8.10
N THR A 184 4.71 -5.52 7.02
CA THR A 184 4.08 -5.48 5.71
C THR A 184 4.81 -6.31 4.67
N VAL A 185 4.03 -7.08 3.92
CA VAL A 185 4.54 -7.80 2.74
C VAL A 185 3.85 -7.19 1.52
N LEU A 186 4.67 -6.75 0.58
CA LEU A 186 4.23 -6.13 -0.64
C LEU A 186 4.44 -7.07 -1.81
N VAL A 187 3.32 -7.59 -2.34
CA VAL A 187 3.36 -8.48 -3.47
C VAL A 187 3.02 -7.70 -4.70
N VAL A 188 3.90 -7.69 -5.65
CA VAL A 188 3.81 -6.81 -6.80
C VAL A 188 3.82 -7.67 -8.05
N ARG A 189 2.89 -7.38 -8.94
CA ARG A 189 2.93 -7.97 -10.26
C ARG A 189 3.76 -7.07 -11.14
N HIS A 190 4.70 -7.69 -11.85
CA HIS A 190 5.59 -6.92 -12.72
C HIS A 190 4.83 -5.99 -13.70
N GLY A 191 5.49 -4.94 -14.17
CA GLY A 191 4.93 -3.98 -15.01
C GLY A 191 4.77 -4.50 -16.44
N THR A 192 4.19 -3.66 -17.28
CA THR A 192 3.94 -4.08 -18.65
C THR A 192 5.26 -4.46 -19.37
N ALA A 193 5.22 -5.53 -20.15
CA ALA A 193 6.39 -6.15 -20.75
C ALA A 193 6.08 -6.70 -22.11
N GLY A 194 5.36 -5.91 -22.90
CA GLY A 194 4.84 -6.35 -24.21
C GLY A 194 3.99 -7.62 -24.10
N ARG A 195 4.03 -8.42 -25.13
CA ARG A 195 3.06 -9.49 -25.29
C ARG A 195 3.81 -10.79 -25.35
N ARG A 196 3.33 -11.82 -24.69
CA ARG A 196 3.93 -13.16 -24.83
C ARG A 196 4.11 -13.62 -26.24
N SER A 197 5.20 -14.35 -26.45
CA SER A 197 5.56 -14.79 -27.81
C SER A 197 4.71 -16.01 -28.03
N ARG A 198 4.84 -16.57 -29.24
CA ARG A 198 4.12 -17.80 -29.64
C ARG A 198 4.70 -19.10 -29.05
N TYR A 199 5.91 -18.98 -28.48
CA TYR A 199 6.62 -20.13 -27.94
C TYR A 199 5.95 -20.60 -26.69
N LYS A 200 6.17 -21.89 -26.44
CA LYS A 200 5.48 -22.56 -25.36
C LYS A 200 6.09 -22.04 -24.09
N GLY A 201 5.23 -21.96 -23.09
CA GLY A 201 5.63 -21.39 -21.85
C GLY A 201 5.89 -19.89 -21.91
N ASP A 202 6.91 -19.58 -21.13
N ASP A 202 6.92 -19.47 -21.19
CA ASP A 202 7.16 -18.28 -20.64
CA ASP A 202 6.92 -18.14 -20.55
C ASP A 202 8.39 -17.81 -21.36
C ASP A 202 7.62 -16.91 -21.22
N ASP A 203 8.44 -16.51 -21.66
N ASP A 203 8.83 -17.09 -21.75
CA ASP A 203 9.61 -15.88 -22.23
CA ASP A 203 9.62 -15.95 -22.23
C ASP A 203 10.46 -15.35 -21.08
C ASP A 203 10.44 -15.37 -21.09
N ARG A 204 11.40 -16.16 -20.61
CA ARG A 204 12.20 -15.81 -19.41
C ARG A 204 12.83 -14.43 -19.45
N LYS A 205 13.30 -14.00 -20.62
CA LYS A 205 14.11 -12.79 -20.70
C LYS A 205 13.38 -11.63 -21.22
N ARG A 206 12.12 -11.78 -21.57
CA ARG A 206 11.35 -10.66 -22.16
C ARG A 206 11.32 -9.48 -21.12
N PRO A 207 11.71 -8.27 -21.55
CA PRO A 207 11.92 -7.18 -20.58
C PRO A 207 10.65 -6.31 -20.49
N LEU A 208 10.63 -5.39 -19.55
CA LEU A 208 9.62 -4.38 -19.41
C LEU A 208 9.61 -3.55 -20.66
N ASP A 209 8.46 -3.05 -21.06
CA ASP A 209 8.36 -2.13 -22.23
C ASP A 209 8.46 -0.70 -21.70
N LYS A 210 8.30 0.32 -22.55
CA LYS A 210 8.47 1.71 -22.08
C LYS A 210 7.56 2.04 -20.86
N ARG A 211 6.29 1.71 -21.01
CA ARG A 211 5.32 1.85 -19.94
C ARG A 211 5.72 1.15 -18.66
N GLY A 212 6.18 -0.07 -18.78
CA GLY A 212 6.55 -0.88 -17.64
C GLY A 212 7.70 -0.27 -16.94
N ARG A 213 8.65 0.28 -17.70
CA ARG A 213 9.77 1.01 -17.10
C ARG A 213 9.30 2.21 -16.25
N ALA A 214 8.27 2.90 -16.71
CA ALA A 214 7.74 4.06 -16.01
C ALA A 214 7.01 3.61 -14.73
N GLN A 215 6.26 2.53 -14.84
CA GLN A 215 5.63 1.92 -13.67
C GLN A 215 6.67 1.53 -12.59
N ALA A 216 7.76 0.93 -13.00
CA ALA A 216 8.82 0.54 -12.11
C ALA A 216 9.38 1.78 -11.36
N GLU A 217 9.59 2.85 -12.10
CA GLU A 217 10.04 4.12 -11.49
C GLU A 217 9.00 4.69 -10.52
N ALA A 218 7.71 4.68 -10.92
CA ALA A 218 6.61 5.19 -10.10
C ALA A 218 6.36 4.30 -8.89
N LEU A 219 6.74 3.05 -8.97
CA LEU A 219 6.56 2.20 -7.81
C LEU A 219 7.48 2.47 -6.67
N VAL A 220 8.64 3.11 -6.90
CA VAL A 220 9.57 3.41 -5.81
C VAL A 220 8.89 4.15 -4.64
N ALA A 221 8.25 5.25 -4.97
CA ALA A 221 7.63 6.07 -3.93
C ALA A 221 6.46 5.32 -3.24
N GLN A 222 5.73 4.52 -3.99
N GLN A 222 5.73 4.56 -4.05
CA GLN A 222 4.56 3.84 -3.36
CA GLN A 222 4.61 3.70 -3.59
C GLN A 222 5.02 2.69 -2.46
C GLN A 222 5.10 2.78 -2.48
N LEU A 223 6.10 2.00 -2.82
CA LEU A 223 6.59 0.94 -1.96
C LEU A 223 7.33 1.53 -0.73
N MET A 224 8.06 2.63 -0.91
CA MET A 224 8.70 3.28 0.21
C MET A 224 7.69 3.83 1.20
N ALA A 225 6.49 4.21 0.73
CA ALA A 225 5.47 4.71 1.64
C ALA A 225 5.10 3.69 2.68
N PHE A 226 5.26 2.39 2.40
CA PHE A 226 5.00 1.30 3.34
C PHE A 226 6.28 0.81 4.07
N GLY A 227 7.40 1.50 3.85
CA GLY A 227 8.65 1.17 4.46
C GLY A 227 9.23 -0.16 3.97
N ALA A 228 9.17 -0.39 2.65
CA ALA A 228 9.81 -1.60 2.08
C ALA A 228 11.30 -1.63 2.54
N THR A 229 11.84 -2.80 2.87
CA THR A 229 13.26 -2.89 3.25
C THR A 229 14.06 -3.93 2.50
N THR A 230 13.40 -4.96 2.02
CA THR A 230 14.10 -6.10 1.42
C THR A 230 13.33 -6.50 0.16
N LEU A 231 14.06 -7.01 -0.85
CA LEU A 231 13.53 -7.16 -2.21
C LEU A 231 13.76 -8.56 -2.73
N TYR A 232 12.70 -9.08 -3.36
CA TYR A 232 12.65 -10.40 -3.94
C TYR A 232 11.90 -10.35 -5.27
N ALA A 233 12.43 -11.08 -6.24
CA ALA A 233 11.73 -11.22 -7.52
C ALA A 233 11.82 -12.65 -8.02
N ALA A 234 10.73 -13.08 -8.65
CA ALA A 234 10.72 -14.33 -9.31
C ALA A 234 11.78 -14.33 -10.40
N ASP A 235 12.26 -15.54 -10.72
CA ASP A 235 13.32 -15.72 -11.71
C ASP A 235 12.93 -15.35 -13.15
N ARG A 236 12.44 -14.14 -13.34
CA ARG A 236 12.23 -13.64 -14.69
C ARG A 236 12.72 -12.23 -14.82
N VAL A 237 13.22 -11.85 -16.00
CA VAL A 237 13.85 -10.55 -16.15
C VAL A 237 12.85 -9.42 -15.83
N ARG A 238 11.64 -9.54 -16.37
CA ARG A 238 10.61 -8.49 -16.18
C ARG A 238 10.22 -8.25 -14.70
N CYS A 239 10.37 -9.29 -13.86
CA CYS A 239 10.11 -9.17 -12.43
C CYS A 239 11.19 -8.37 -11.74
N HIS A 240 12.46 -8.76 -11.98
CA HIS A 240 13.61 -8.03 -11.48
C HIS A 240 13.63 -6.58 -11.98
N GLN A 241 13.34 -6.36 -13.26
CA GLN A 241 13.25 -5.01 -13.76
C GLN A 241 12.23 -4.09 -13.11
N THR A 242 11.15 -4.67 -12.60
CA THR A 242 10.10 -3.86 -11.96
C THR A 242 10.61 -3.30 -10.65
N ILE A 243 11.48 -4.05 -10.00
CA ILE A 243 11.91 -3.61 -8.67
C ILE A 243 13.33 -3.05 -8.64
N GLU A 244 13.96 -3.06 -9.81
CA GLU A 244 15.30 -2.44 -9.95
C GLU A 244 15.35 -0.97 -9.53
N PRO A 245 14.39 -0.13 -9.96
CA PRO A 245 14.53 1.25 -9.44
C PRO A 245 14.47 1.36 -7.92
N LEU A 246 13.67 0.52 -7.29
CA LEU A 246 13.61 0.50 -5.85
C LEU A 246 14.95 -0.04 -5.29
N ALA A 247 15.50 -1.07 -5.92
CA ALA A 247 16.81 -1.63 -5.53
C ALA A 247 17.89 -0.52 -5.55
N GLN A 248 17.86 0.34 -6.55
CA GLN A 248 18.83 1.44 -6.68
C GLN A 248 18.62 2.37 -5.49
N GLU A 249 17.37 2.67 -5.19
CA GLU A 249 17.07 3.71 -4.23
C GLU A 249 17.47 3.23 -2.85
N LEU A 250 17.20 1.99 -2.53
CA LEU A 250 17.67 1.45 -1.26
C LEU A 250 19.13 1.01 -1.30
N ASP A 251 19.73 1.05 -2.48
CA ASP A 251 21.03 0.40 -2.67
C ASP A 251 21.02 -1.01 -2.14
N GLN A 252 20.10 -1.84 -2.65
CA GLN A 252 20.08 -3.21 -2.21
C GLN A 252 19.93 -4.20 -3.34
N LEU A 253 20.21 -5.45 -2.99
CA LEU A 253 20.19 -6.52 -3.94
C LEU A 253 18.81 -7.10 -3.96
N ILE A 254 18.44 -7.64 -5.11
CA ILE A 254 17.18 -8.34 -5.28
C ILE A 254 17.40 -9.86 -5.16
N HIS A 255 16.79 -10.52 -4.18
CA HIS A 255 16.87 -11.97 -4.05
C HIS A 255 16.04 -12.63 -5.20
N ASN A 256 16.64 -13.57 -5.90
CA ASN A 256 15.99 -14.28 -6.97
C ASN A 256 15.18 -15.43 -6.43
N GLU A 257 13.98 -15.67 -6.98
CA GLU A 257 13.04 -16.62 -6.44
C GLU A 257 12.51 -17.56 -7.53
N PRO A 258 13.25 -18.63 -7.79
CA PRO A 258 12.80 -19.48 -8.89
C PRO A 258 11.52 -20.26 -8.56
N LEU A 259 11.26 -20.44 -7.26
CA LEU A 259 10.09 -21.11 -6.75
C LEU A 259 8.81 -20.31 -7.00
N LEU A 260 8.91 -19.02 -7.30
CA LEU A 260 7.71 -18.18 -7.42
C LEU A 260 7.38 -17.80 -8.89
N THR A 261 7.96 -18.50 -9.84
CA THR A 261 7.61 -18.21 -11.23
C THR A 261 6.31 -18.97 -11.56
N GLU A 262 5.73 -18.62 -12.68
CA GLU A 262 4.49 -19.26 -13.06
C GLU A 262 4.74 -20.80 -13.29
N GLU A 263 5.83 -21.13 -13.97
CA GLU A 263 6.13 -22.52 -14.23
C GLU A 263 6.25 -23.31 -12.93
N ALA A 264 6.94 -22.77 -11.94
CA ALA A 264 7.17 -23.47 -10.70
C ALA A 264 5.94 -23.55 -9.87
N TYR A 265 5.10 -22.51 -9.89
CA TYR A 265 3.81 -22.55 -9.14
C TYR A 265 2.88 -23.66 -9.73
N ALA A 266 2.95 -23.84 -11.03
CA ALA A 266 2.12 -24.83 -11.75
C ALA A 266 2.65 -26.21 -11.49
N ALA A 267 3.96 -26.31 -11.22
CA ALA A 267 4.66 -27.58 -10.97
C ALA A 267 4.55 -27.96 -9.52
N ASP A 268 4.69 -27.00 -8.63
CA ASP A 268 4.67 -27.26 -7.18
C ASP A 268 4.14 -26.05 -6.43
N HIS A 269 2.81 -25.95 -6.37
CA HIS A 269 2.18 -24.83 -5.68
C HIS A 269 2.48 -24.73 -4.20
N LYS A 270 2.67 -25.89 -3.53
CA LYS A 270 2.95 -25.92 -2.07
C LYS A 270 4.30 -25.42 -1.70
N ALA A 271 5.28 -25.64 -2.55
CA ALA A 271 6.61 -25.05 -2.36
C ALA A 271 6.57 -23.49 -2.50
N ALA A 272 5.73 -23.00 -3.40
CA ALA A 272 5.62 -21.55 -3.56
C ALA A 272 5.00 -20.92 -2.31
N ARG A 273 3.88 -21.48 -1.90
CA ARG A 273 3.19 -21.04 -0.73
C ARG A 273 4.13 -21.04 0.47
N LYS A 274 4.89 -22.12 0.64
CA LYS A 274 5.80 -22.26 1.77
C LYS A 274 6.90 -21.19 1.67
N ARG A 275 7.39 -20.94 0.46
CA ARG A 275 8.40 -19.90 0.27
C ARG A 275 7.93 -18.48 0.62
N LEU A 276 6.73 -18.16 0.18
CA LEU A 276 6.11 -16.88 0.56
C LEU A 276 6.07 -16.68 2.10
N LEU A 277 5.56 -17.66 2.82
CA LEU A 277 5.57 -17.62 4.31
C LEU A 277 6.97 -17.53 4.94
N GLU A 278 7.95 -18.24 4.39
CA GLU A 278 9.35 -18.05 4.85
C GLU A 278 9.85 -16.62 4.66
N ILE A 279 9.63 -16.08 3.46
CA ILE A 279 10.00 -14.68 3.23
C ILE A 279 9.25 -13.71 4.16
N ALA A 280 7.94 -13.88 4.27
CA ALA A 280 7.10 -13.07 5.18
C ALA A 280 7.64 -13.13 6.61
N GLY A 281 8.17 -14.30 7.00
CA GLY A 281 8.64 -14.50 8.37
C GLY A 281 9.96 -13.81 8.67
N ARG A 282 10.74 -13.47 7.66
CA ARG A 282 11.99 -12.78 7.91
C ARG A 282 11.73 -11.41 8.52
N PRO A 283 12.74 -10.85 9.20
CA PRO A 283 12.62 -9.46 9.66
C PRO A 283 12.57 -8.47 8.51
N GLY A 284 11.74 -7.44 8.68
CA GLY A 284 11.65 -6.33 7.75
C GLY A 284 10.42 -6.43 6.87
N ASN A 285 10.34 -5.54 5.88
CA ASN A 285 9.10 -5.44 5.06
C ASN A 285 9.46 -5.78 3.60
N PRO A 286 9.23 -7.01 3.16
CA PRO A 286 9.65 -7.49 1.88
C PRO A 286 8.73 -7.11 0.72
N VAL A 287 9.31 -6.80 -0.41
CA VAL A 287 8.64 -6.68 -1.67
C VAL A 287 8.92 -7.96 -2.43
N ILE A 288 7.88 -8.60 -2.96
CA ILE A 288 8.00 -9.73 -3.79
C ILE A 288 7.27 -9.48 -5.12
N CYS A 289 8.03 -9.49 -6.19
CA CYS A 289 7.54 -9.21 -7.50
C CYS A 289 7.46 -10.52 -8.26
N THR A 290 6.26 -10.83 -8.69
CA THR A 290 6.02 -12.06 -9.45
C THR A 290 5.03 -11.88 -10.59
N GLN A 291 4.38 -12.97 -11.04
CA GLN A 291 3.58 -13.03 -12.29
C GLN A 291 2.09 -13.25 -12.03
N GLY A 292 1.30 -13.03 -13.08
CA GLY A 292 -0.14 -12.97 -12.98
C GLY A 292 -0.86 -14.27 -12.61
N LYS A 293 -0.28 -15.41 -12.95
CA LYS A 293 -0.91 -16.71 -12.67
C LYS A 293 -0.50 -17.17 -11.30
N VAL A 294 0.35 -16.42 -10.60
CA VAL A 294 0.85 -16.82 -9.29
C VAL A 294 0.10 -16.05 -8.15
N ILE A 295 -0.10 -14.78 -8.37
CA ILE A 295 -0.49 -13.87 -7.28
C ILE A 295 -1.90 -14.14 -6.83
N PRO A 296 -2.88 -14.15 -7.75
CA PRO A 296 -4.19 -14.39 -7.23
C PRO A 296 -4.30 -15.63 -6.36
N GLY A 297 -3.70 -16.76 -6.77
CA GLY A 297 -3.80 -18.00 -5.98
C GLY A 297 -3.10 -17.91 -4.65
N LEU A 298 -1.96 -17.23 -4.60
CA LEU A 298 -1.27 -17.09 -3.30
C LEU A 298 -2.06 -16.15 -2.37
N ILE A 299 -2.58 -15.06 -2.94
CA ILE A 299 -3.39 -14.14 -2.13
C ILE A 299 -4.71 -14.77 -1.61
N GLU A 300 -5.44 -15.46 -2.49
N GLU A 300 -5.47 -15.42 -2.50
CA GLU A 300 -6.71 -16.07 -2.08
CA GLU A 300 -6.73 -16.06 -2.05
C GLU A 300 -6.55 -17.18 -1.08
C GLU A 300 -6.43 -17.05 -0.94
N TRP A 301 -5.41 -17.88 -1.14
CA TRP A 301 -5.05 -18.87 -0.18
C TRP A 301 -4.75 -18.28 1.18
N TRP A 302 -3.87 -17.30 1.21
CA TRP A 302 -3.61 -16.68 2.50
C TRP A 302 -4.87 -16.02 3.08
N CYS A 303 -5.61 -15.31 2.29
CA CYS A 303 -6.82 -14.60 2.81
C CYS A 303 -7.83 -15.59 3.41
N GLU A 304 -8.01 -16.70 2.70
CA GLU A 304 -9.01 -17.70 3.08
C GLU A 304 -8.59 -18.36 4.39
N ARG A 305 -7.32 -18.74 4.52
CA ARG A 305 -6.90 -19.39 5.76
C ARG A 305 -6.87 -18.44 6.94
N ALA A 306 -6.64 -17.14 6.73
CA ALA A 306 -6.62 -16.19 7.87
C ALA A 306 -7.94 -15.50 8.11
N LYS A 307 -8.95 -15.85 7.32
CA LYS A 307 -10.29 -15.24 7.27
C LYS A 307 -10.20 -13.71 7.10
N VAL A 308 -9.51 -13.26 6.04
CA VAL A 308 -9.29 -11.82 5.80
C VAL A 308 -9.99 -11.47 4.49
N ARG A 309 -10.81 -10.43 4.53
CA ARG A 309 -11.60 -10.01 3.39
C ARG A 309 -10.92 -8.82 2.74
N PRO A 310 -10.55 -8.98 1.46
CA PRO A 310 -9.98 -7.77 0.78
C PRO A 310 -11.09 -6.82 0.36
N GLU A 311 -10.94 -5.53 0.52
CA GLU A 311 -12.02 -4.65 0.17
C GLU A 311 -12.00 -4.38 -1.34
N THR A 312 -10.85 -4.58 -1.97
CA THR A 312 -10.73 -4.38 -3.45
C THR A 312 -9.99 -5.60 -3.98
N THR A 313 -10.08 -5.85 -5.29
N THR A 313 -10.13 -5.86 -5.28
CA THR A 313 -9.31 -6.99 -5.84
CA THR A 313 -9.43 -7.03 -5.88
C THR A 313 -9.05 -6.70 -7.31
C THR A 313 -9.01 -6.59 -7.28
N GLY A 314 -7.93 -7.20 -7.78
CA GLY A 314 -7.48 -7.00 -9.11
C GLY A 314 -6.21 -7.80 -9.22
N ASN A 315 -5.56 -7.64 -10.34
CA ASN A 315 -4.34 -8.37 -10.67
C ASN A 315 -3.63 -7.71 -11.88
N ARG A 316 -3.67 -6.40 -11.94
CA ARG A 316 -3.12 -5.68 -13.09
C ARG A 316 -1.57 -5.67 -13.03
N LYS A 317 -0.91 -5.66 -14.20
CA LYS A 317 0.53 -5.47 -14.26
C LYS A 317 0.90 -4.16 -13.58
N GLY A 318 1.83 -4.18 -12.63
CA GLY A 318 2.21 -2.97 -11.89
C GLY A 318 1.40 -2.78 -10.58
N SER A 319 0.48 -3.70 -10.30
CA SER A 319 -0.30 -3.60 -9.08
C SER A 319 0.46 -4.11 -7.87
N THR A 320 -0.02 -3.77 -6.70
CA THR A 320 0.61 -4.19 -5.48
C THR A 320 -0.48 -4.65 -4.53
N TRP A 321 -0.19 -5.75 -3.84
CA TRP A 321 -0.98 -6.18 -2.69
C TRP A 321 -0.21 -5.82 -1.44
N VAL A 322 -0.86 -5.11 -0.49
CA VAL A 322 -0.30 -4.77 0.75
C VAL A 322 -0.90 -5.75 1.80
N LEU A 323 -0.05 -6.65 2.26
CA LEU A 323 -0.38 -7.68 3.25
C LEU A 323 0.14 -7.26 4.62
N SER A 324 -0.81 -6.92 5.50
CA SER A 324 -0.48 -6.49 6.82
C SER A 324 -0.46 -7.72 7.79
N LEU A 325 0.60 -7.82 8.56
CA LEU A 325 0.79 -8.93 9.53
C LEU A 325 0.92 -8.39 10.95
N SER A 326 0.22 -9.02 11.88
CA SER A 326 0.46 -8.76 13.30
C SER A 326 0.82 -10.11 13.91
N ASP A 327 2.00 -10.20 14.51
CA ASP A 327 2.47 -11.48 15.10
C ASP A 327 2.28 -12.64 14.14
N GLY A 328 2.64 -12.46 12.88
CA GLY A 328 2.55 -13.52 11.90
C GLY A 328 1.17 -13.83 11.36
N GLU A 329 0.11 -13.28 11.95
CA GLU A 329 -1.25 -13.48 11.37
C GLU A 329 -1.57 -12.30 10.35
N LEU A 330 -2.16 -12.67 9.23
CA LEU A 330 -2.59 -11.72 8.18
C LEU A 330 -3.78 -11.01 8.78
N VAL A 331 -3.70 -9.68 8.84
CA VAL A 331 -4.82 -8.87 9.24
C VAL A 331 -5.35 -7.84 8.21
N GLY A 332 -4.76 -7.80 7.02
CA GLY A 332 -5.25 -6.94 5.98
C GLY A 332 -4.65 -7.37 4.68
N ALA A 333 -5.43 -7.21 3.61
CA ALA A 333 -4.93 -7.47 2.28
C ALA A 333 -5.50 -6.45 1.29
N ASP A 334 -4.68 -5.50 0.92
CA ASP A 334 -5.13 -4.29 0.27
C ASP A 334 -4.52 -4.22 -1.12
N TYR A 335 -5.36 -4.36 -2.10
CA TYR A 335 -5.00 -4.28 -3.52
C TYR A 335 -4.94 -2.83 -4.03
N LEU A 336 -3.77 -2.45 -4.54
CA LEU A 336 -3.51 -1.13 -5.01
C LEU A 336 -3.37 -1.22 -6.52
N SER A 337 -4.02 -0.31 -7.21
N SER A 337 -4.06 -0.35 -7.22
CA SER A 337 -3.94 -0.28 -8.70
CA SER A 337 -3.98 -0.40 -8.71
C SER A 337 -2.52 0.02 -9.15
C SER A 337 -2.57 -0.01 -9.15
N PRO A 338 -2.19 -0.36 -10.38
CA PRO A 338 -0.96 0.14 -10.99
C PRO A 338 -0.86 1.68 -10.83
N PRO A 339 0.37 2.19 -10.80
CA PRO A 339 0.54 3.60 -10.45
C PRO A 339 0.07 4.50 -11.51
N ASP A 340 -0.05 4.01 -12.73
CA ASP A 340 -0.56 4.89 -13.83
C ASP A 340 -2.00 4.55 -14.17
N GLU A 341 -2.73 3.84 -13.28
CA GLU A 341 -4.18 3.58 -13.52
C GLU A 341 -4.97 4.05 -12.29
N LYS A 342 -6.30 4.17 -12.39
CA LYS A 342 -7.13 4.64 -11.23
C LYS A 342 -7.65 3.52 -10.32
#